data_6IR8
#
_entry.id   6IR8
#
_cell.length_a   48.225
_cell.length_b   87.831
_cell.length_c   99.691
_cell.angle_alpha   90.00
_cell.angle_beta   90.00
_cell.angle_gamma   90.00
#
_symmetry.space_group_name_H-M   'C 2 2 21'
#
loop_
_entity.id
_entity.type
_entity.pdbx_description
1 polymer OsWRKY45
2 polymer "DNA (5'-D(P*GP*AP*TP*AP*TP*TP*TP*GP*AP*CP*CP*GP*GP*A)-3')"
3 polymer "DNA (5'-D(P*TP*CP*CP*GP*GP*TP*CP*AP*AP*AP*TP*AP*TP*C)-3')"
4 non-polymer 'ZINC ION'
5 water water
#
loop_
_entity_poly.entity_id
_entity_poly.type
_entity_poly.pdbx_seq_one_letter_code
_entity_poly.pdbx_strand_id
1 'polypeptide(L)' NSVVVKNLDDGQAWRKYGQKEIQNSKHPKAYFRCTHKYDQLCTAQRQVQRCDDDPASYRVTYIGEHTCR A
2 'polydeoxyribonucleotide' (DG)(DA)(DT)(DA)(DT)(DT)(DT)(DG)(DA)(DC)(DC)(DG)(DG)(DA) B
3 'polydeoxyribonucleotide' (DT)(DC)(DC)(DG)(DG)(DT)(DC)(DA)(DA)(DA)(DT)(DA)(DT)(DC) C
#
loop_
_chem_comp.id
_chem_comp.type
_chem_comp.name
_chem_comp.formula
DA DNA linking 2'-DEOXYADENOSINE-5'-MONOPHOSPHATE 'C10 H14 N5 O6 P'
DC DNA linking 2'-DEOXYCYTIDINE-5'-MONOPHOSPHATE 'C9 H14 N3 O7 P'
DG DNA linking 2'-DEOXYGUANOSINE-5'-MONOPHOSPHATE 'C10 H14 N5 O7 P'
DT DNA linking THYMIDINE-5'-MONOPHOSPHATE 'C10 H15 N2 O8 P'
ZN non-polymer 'ZINC ION' 'Zn 2'
#
# COMPACT_ATOMS: atom_id res chain seq x y z
N ASN A 1 5.66 0.72 23.42
CA ASN A 1 5.91 0.69 21.98
C ASN A 1 7.18 1.46 21.56
N SER A 2 7.93 2.00 22.53
CA SER A 2 9.16 2.73 22.27
C SER A 2 10.31 2.11 23.06
N VAL A 3 11.44 1.85 22.40
CA VAL A 3 12.59 1.22 23.05
C VAL A 3 13.87 1.92 22.63
N VAL A 4 14.91 1.77 23.46
CA VAL A 4 16.22 2.35 23.24
C VAL A 4 17.18 1.23 22.88
N VAL A 5 17.78 1.29 21.71
CA VAL A 5 18.65 0.23 21.21
C VAL A 5 19.84 0.86 20.53
N LYS A 6 20.77 0.02 20.06
CA LYS A 6 22.00 0.48 19.44
C LYS A 6 22.29 -0.14 18.09
N ASN A 7 21.44 -1.04 17.58
CA ASN A 7 21.48 -1.31 16.15
C ASN A 7 20.06 -1.51 15.66
N LEU A 8 19.83 -1.10 14.42
CA LEU A 8 18.51 -0.93 13.86
C LEU A 8 18.00 -2.16 13.12
N ASP A 9 18.79 -3.22 13.05
CA ASP A 9 18.37 -4.39 12.29
C ASP A 9 17.54 -5.28 13.23
N ASP A 10 16.24 -5.05 13.25
CA ASP A 10 15.36 -5.85 14.08
C ASP A 10 14.87 -7.09 13.36
N GLY A 11 15.47 -7.43 12.21
CA GLY A 11 15.05 -8.59 11.45
C GLY A 11 13.75 -8.42 10.69
N GLN A 12 13.10 -7.26 10.80
CA GLN A 12 11.89 -7.00 10.01
C GLN A 12 12.26 -6.33 8.69
N ALA A 13 11.37 -6.46 7.72
CA ALA A 13 11.51 -5.81 6.42
C ALA A 13 10.91 -4.40 6.49
N TRP A 14 11.76 -3.38 6.66
CA TRP A 14 11.34 -2.00 6.75
C TRP A 14 11.73 -1.23 5.49
N ARG A 15 10.91 -0.28 5.10
CA ARG A 15 11.24 0.58 3.97
C ARG A 15 11.14 2.04 4.37
N LYS A 16 12.25 2.77 4.21
CA LYS A 16 12.31 4.17 4.61
C LYS A 16 11.54 5.05 3.64
N TYR A 17 10.72 5.97 4.18
CA TYR A 17 9.95 6.87 3.34
C TYR A 17 10.05 8.34 3.76
N GLY A 18 10.93 8.68 4.69
CA GLY A 18 11.08 10.08 5.06
C GLY A 18 12.10 10.25 6.16
N GLN A 19 12.49 11.51 6.35
CA GLN A 19 13.38 11.87 7.43
C GLN A 19 13.23 13.36 7.71
N LYS A 20 12.99 13.69 8.96
CA LYS A 20 12.63 15.05 9.35
C LYS A 20 13.51 15.52 10.50
N GLU A 21 13.91 16.78 10.46
CA GLU A 21 14.36 17.45 11.67
C GLU A 21 13.17 17.71 12.59
N ILE A 22 13.43 17.63 13.90
CA ILE A 22 12.38 17.82 14.91
C ILE A 22 12.79 18.96 15.81
N GLN A 23 11.87 19.88 16.07
CA GLN A 23 12.15 21.01 16.94
C GLN A 23 12.50 20.51 18.34
N ASN A 24 13.59 21.04 18.90
CA ASN A 24 14.09 20.71 20.23
C ASN A 24 14.69 19.31 20.30
N SER A 25 14.99 18.72 19.14
CA SER A 25 15.78 17.51 19.01
C SER A 25 17.07 17.85 18.27
N LYS A 26 18.17 17.27 18.75
CA LYS A 26 19.46 17.42 18.08
C LYS A 26 19.58 16.58 16.81
N HIS A 27 18.81 15.50 16.72
CA HIS A 27 18.99 14.50 15.67
C HIS A 27 17.72 14.30 14.84
N PRO A 28 17.87 14.02 13.55
CA PRO A 28 16.69 13.80 12.71
C PRO A 28 15.96 12.53 13.09
N LYS A 29 14.70 12.47 12.71
CA LYS A 29 13.87 11.28 12.88
C LYS A 29 13.62 10.64 11.52
N ALA A 30 13.92 9.35 11.39
CA ALA A 30 13.66 8.58 10.18
C ALA A 30 12.36 7.78 10.32
N TYR A 31 11.64 7.67 9.20
CA TYR A 31 10.31 7.06 9.12
C TYR A 31 10.35 5.84 8.20
N PHE A 32 9.78 4.72 8.66
CA PHE A 32 9.75 3.46 7.93
C PHE A 32 8.35 2.86 7.99
N ARG A 33 7.97 2.21 6.90
CA ARG A 33 6.75 1.41 6.81
C ARG A 33 7.13 -0.01 6.39
N CYS A 34 6.21 -0.95 6.61
CA CYS A 34 6.49 -2.34 6.28
C CYS A 34 6.71 -2.50 4.78
N THR A 35 7.74 -3.24 4.42
CA THR A 35 8.00 -3.55 3.02
C THR A 35 6.81 -4.26 2.36
N HIS A 36 6.07 -5.07 3.13
CA HIS A 36 4.98 -5.88 2.62
C HIS A 36 3.64 -5.17 2.71
N LYS A 37 3.64 -3.85 2.93
CA LYS A 37 2.41 -3.10 3.18
C LYS A 37 1.31 -3.44 2.18
N TYR A 38 1.65 -3.52 0.89
CA TYR A 38 0.68 -3.61 -0.18
C TYR A 38 0.52 -5.02 -0.74
N ASP A 39 1.16 -6.03 -0.14
CA ASP A 39 1.16 -7.38 -0.72
C ASP A 39 -0.20 -8.07 -0.72
N GLN A 40 -1.16 -7.61 0.09
CA GLN A 40 -2.48 -8.22 0.19
C GLN A 40 -3.60 -7.27 -0.26
N LEU A 41 -3.33 -6.46 -1.29
CA LEU A 41 -4.39 -5.66 -1.89
C LEU A 41 -5.41 -6.56 -2.59
N CYS A 42 -6.69 -6.20 -2.50
CA CYS A 42 -7.65 -6.83 -3.39
C CYS A 42 -7.63 -6.06 -4.69
N THR A 43 -7.13 -6.70 -5.76
CA THR A 43 -6.84 -6.05 -7.03
C THR A 43 -7.97 -6.25 -8.05
N ALA A 44 -9.08 -6.84 -7.64
CA ALA A 44 -10.18 -7.05 -8.56
C ALA A 44 -10.72 -5.73 -9.08
N GLN A 45 -10.98 -5.68 -10.39
CA GLN A 45 -11.54 -4.53 -11.07
C GLN A 45 -12.68 -4.97 -11.99
N ARG A 46 -13.54 -4.01 -12.33
CA ARG A 46 -14.65 -4.21 -13.24
C ARG A 46 -14.82 -2.99 -14.13
N GLN A 47 -15.06 -3.23 -15.42
CA GLN A 47 -15.38 -2.17 -16.38
C GLN A 47 -16.76 -2.43 -16.98
N VAL A 48 -17.52 -1.35 -17.20
CA VAL A 48 -18.90 -1.44 -17.68
C VAL A 48 -19.08 -0.46 -18.82
N GLN A 49 -19.57 -0.95 -19.96
CA GLN A 49 -19.76 -0.12 -21.13
C GLN A 49 -20.95 -0.64 -21.93
N ARG A 50 -21.89 0.25 -22.24
CA ARG A 50 -23.03 -0.10 -23.06
C ARG A 50 -22.56 -0.58 -24.44
N CYS A 51 -23.22 -1.61 -24.98
CA CYS A 51 -22.79 -2.19 -26.25
C CYS A 51 -23.19 -1.31 -27.43
N ASP A 52 -22.25 -1.13 -28.38
CA ASP A 52 -22.55 -0.38 -29.61
C ASP A 52 -23.63 -1.06 -30.43
N ASP A 53 -23.56 -2.39 -30.52
CA ASP A 53 -24.50 -3.17 -31.31
C ASP A 53 -25.85 -3.30 -30.63
N ASP A 54 -25.94 -3.02 -29.34
CA ASP A 54 -27.16 -3.25 -28.57
C ASP A 54 -27.17 -2.36 -27.34
N PRO A 55 -27.75 -1.16 -27.42
CA PRO A 55 -27.74 -0.25 -26.28
C PRO A 55 -28.58 -0.71 -25.11
N ALA A 56 -29.38 -1.77 -25.29
CA ALA A 56 -30.07 -2.39 -24.16
C ALA A 56 -29.17 -3.27 -23.31
N SER A 57 -27.91 -3.47 -23.66
CA SER A 57 -27.05 -4.38 -22.91
C SER A 57 -25.73 -3.71 -22.54
N TYR A 58 -25.08 -4.26 -21.51
CA TYR A 58 -23.77 -3.80 -21.09
C TYR A 58 -22.72 -4.89 -21.29
N ARG A 59 -21.56 -4.50 -21.79
CA ARG A 59 -20.38 -5.35 -21.72
C ARG A 59 -19.68 -5.09 -20.39
N VAL A 60 -19.62 -6.12 -19.54
CA VAL A 60 -18.98 -6.03 -18.24
C VAL A 60 -17.72 -6.87 -18.30
N THR A 61 -16.59 -6.22 -18.05
CA THR A 61 -15.30 -6.88 -18.12
C THR A 61 -14.76 -7.01 -16.70
N TYR A 62 -14.39 -8.21 -16.32
CA TYR A 62 -13.81 -8.49 -15.02
C TYR A 62 -12.32 -8.73 -15.18
N ILE A 63 -11.53 -7.97 -14.44
CA ILE A 63 -10.07 -8.05 -14.50
C ILE A 63 -9.56 -8.38 -13.10
N GLY A 64 -8.82 -9.47 -13.00
CA GLY A 64 -8.36 -9.93 -11.71
C GLY A 64 -9.44 -10.69 -10.96
N GLU A 65 -9.05 -11.17 -9.79
CA GLU A 65 -9.94 -11.90 -8.91
C GLU A 65 -9.93 -11.25 -7.53
N HIS A 66 -10.97 -11.54 -6.76
CA HIS A 66 -11.05 -11.06 -5.39
C HIS A 66 -10.19 -11.90 -4.44
N THR A 67 -9.51 -11.22 -3.54
CA THR A 67 -8.87 -11.84 -2.38
C THR A 67 -9.39 -11.24 -1.08
N CYS A 68 -10.33 -10.31 -1.17
CA CYS A 68 -10.90 -9.65 -0.01
C CYS A 68 -11.71 -10.63 0.83
N ARG A 69 -11.93 -10.26 2.08
CA ARG A 69 -12.49 -11.17 3.08
C ARG A 69 -13.80 -10.66 3.66
ZN ZN D . 4.18 -6.05 7.91
#